data_8J3C
#
_entry.id   8J3C
#
_cell.length_a   77.107
_cell.length_b   83.988
_cell.length_c   62.283
_cell.angle_alpha   90.00
_cell.angle_beta   100.51
_cell.angle_gamma   90.00
#
_symmetry.space_group_name_H-M   'C 1 2 1'
#
loop_
_entity.id
_entity.type
_entity.pdbx_description
1 polymer '4-hydroxyphenylpyruvate dioxygenase'
2 non-polymer 'COBALT (II) ION'
3 non-polymer 5-methyl-6-(2-oxidanyl-6-oxidanylidene-cyclohexen-1-yl)carbonyl-3-phenyl-quinazolin-4-one
4 water water
#
_entity_poly.entity_id   1
_entity_poly.type   'polypeptide(L)'
_entity_poly.pdbx_seq_one_letter_code
;GSHMVRKNPKSDKFKVKRFHHIEFWCGDATNVARRFSWGLGMRFSAKSDLSTGNMVHASYLLTSGDLRFLFTAPYSPSLS
AGEIKPTTTASIPSFDHGSCRSFFSSHGLGVRAVAIEVEDAESAFSISVANGAIPSSPPIVLNEAVTIAEVKLYGDVVLR
YVSYKAEDTEKSEFLPGFERVEDASSFPLDYGIRRLDHAVGNVPELGPALTYVAGFTGFHQFAEFTADDVGTAESGLNSA
VLASNDEMVLLPINEPVHGTKRKSQIQTYLEHNEGAGLQHLALMSEDIFRTLREMRKRSSIGGFDFMPSPPPTYYQNLKK
RVGDVLSDDQIKECEELGILVDRDDQGTLLQIFTKPLGDRPTIFIEIIQRVGCMMKDEEGKAYQSGGCGGFGKGNFSELF
KSIEEYEKTLEAKQLVG
;
_entity_poly.pdbx_strand_id   A
#
loop_
_chem_comp.id
_chem_comp.type
_chem_comp.name
_chem_comp.formula
CO non-polymer 'COBALT (II) ION' 'Co 2'
SZO non-polymer 5-methyl-6-(2-oxidanyl-6-oxidanylidene-cyclohexen-1-yl)carbonyl-3-phenyl-quinazolin-4-one 'C22 H18 N2 O4'
#
# COMPACT_ATOMS: atom_id res chain seq x y z
N LYS A 7 17.38 17.52 -2.87
CA LYS A 7 18.54 16.78 -3.36
C LYS A 7 18.13 15.38 -3.80
N ASN A 8 18.21 15.13 -5.11
CA ASN A 8 17.81 13.85 -5.69
C ASN A 8 18.97 13.34 -6.55
N PRO A 9 19.79 12.43 -6.01
CA PRO A 9 20.96 11.95 -6.77
C PRO A 9 20.62 11.06 -7.95
N LYS A 10 19.35 10.65 -8.09
CA LYS A 10 18.91 9.78 -9.19
C LYS A 10 19.80 8.54 -9.33
N SER A 11 19.88 7.77 -8.25
CA SER A 11 20.85 6.69 -8.13
C SER A 11 20.24 5.30 -8.31
N ASP A 12 19.01 5.19 -8.82
CA ASP A 12 18.37 3.89 -9.07
C ASP A 12 19.32 2.96 -9.82
N LYS A 13 19.47 1.73 -9.33
CA LYS A 13 20.38 0.80 -9.98
C LYS A 13 19.75 0.10 -11.17
N PHE A 14 18.46 0.30 -11.40
CA PHE A 14 17.78 -0.23 -12.57
C PHE A 14 16.56 0.65 -12.82
N LYS A 15 16.00 0.56 -14.02
CA LYS A 15 14.93 1.46 -14.42
C LYS A 15 13.61 1.01 -13.78
N VAL A 16 13.03 1.89 -12.97
CA VAL A 16 11.80 1.63 -12.25
C VAL A 16 10.72 2.54 -12.83
N LYS A 17 9.53 2.00 -13.02
CA LYS A 17 8.47 2.82 -13.60
C LYS A 17 7.52 3.28 -12.50
N ARG A 18 6.46 2.51 -12.25
CA ARG A 18 5.48 2.91 -11.24
C ARG A 18 5.12 1.70 -10.39
N PHE A 19 4.47 1.97 -9.26
CA PHE A 19 3.78 0.91 -8.54
C PHE A 19 2.86 0.16 -9.49
N HIS A 20 2.86 -1.17 -9.39
CA HIS A 20 2.08 -1.99 -10.29
C HIS A 20 0.88 -2.61 -9.60
N HIS A 21 1.09 -3.27 -8.46
CA HIS A 21 -0.01 -3.85 -7.71
C HIS A 21 0.44 -4.14 -6.29
N ILE A 22 -0.55 -4.41 -5.43
CA ILE A 22 -0.32 -4.81 -4.05
C ILE A 22 -1.03 -6.15 -3.91
N GLU A 23 -0.34 -7.14 -3.36
CA GLU A 23 -0.95 -8.46 -3.15
C GLU A 23 -1.15 -8.73 -1.67
N PHE A 24 -2.39 -8.99 -1.29
CA PHE A 24 -2.76 -9.47 0.03
C PHE A 24 -2.78 -10.99 0.05
N TRP A 25 -2.19 -11.57 1.09
CA TRP A 25 -2.35 -12.99 1.34
C TRP A 25 -3.42 -13.19 2.41
N CYS A 26 -4.38 -14.05 2.10
CA CYS A 26 -5.66 -14.17 2.78
C CYS A 26 -5.89 -15.63 3.14
N GLY A 27 -6.87 -15.84 4.00
CA GLY A 27 -7.32 -17.19 4.20
C GLY A 27 -8.43 -17.54 3.23
N ASP A 28 -9.30 -16.57 2.95
CA ASP A 28 -10.37 -16.70 1.96
C ASP A 28 -10.33 -15.44 1.10
N ALA A 29 -9.87 -15.58 -0.13
CA ALA A 29 -9.70 -14.41 -0.99
C ALA A 29 -11.05 -13.81 -1.38
N THR A 30 -12.07 -14.65 -1.57
CA THR A 30 -13.37 -14.18 -2.01
C THR A 30 -13.96 -13.15 -1.04
N ASN A 31 -13.98 -13.49 0.25
CA ASN A 31 -14.65 -12.61 1.21
C ASN A 31 -13.87 -11.32 1.41
N VAL A 32 -12.54 -11.38 1.44
CA VAL A 32 -11.79 -10.14 1.58
C VAL A 32 -11.96 -9.27 0.35
N ALA A 33 -11.86 -9.87 -0.84
CA ALA A 33 -12.00 -9.08 -2.07
C ALA A 33 -13.38 -8.43 -2.16
N ARG A 34 -14.43 -9.15 -1.79
CA ARG A 34 -15.76 -8.54 -1.89
C ARG A 34 -15.92 -7.40 -0.89
N ARG A 35 -15.42 -7.57 0.33
CA ARG A 35 -15.46 -6.52 1.32
C ARG A 35 -14.71 -5.28 0.83
N PHE A 36 -13.48 -5.46 0.36
CA PHE A 36 -12.68 -4.33 -0.13
C PHE A 36 -13.33 -3.67 -1.33
N SER A 37 -13.90 -4.45 -2.25
CA SER A 37 -14.54 -3.87 -3.43
C SER A 37 -15.62 -2.88 -3.02
N TRP A 38 -16.52 -3.30 -2.14
CA TRP A 38 -17.61 -2.43 -1.70
C TRP A 38 -17.10 -1.26 -0.87
N GLY A 39 -16.13 -1.53 0.02
CA GLY A 39 -15.66 -0.49 0.94
C GLY A 39 -14.86 0.62 0.26
N LEU A 40 -14.13 0.30 -0.81
CA LEU A 40 -13.20 1.23 -1.45
C LEU A 40 -13.65 1.67 -2.84
N GLY A 41 -14.69 1.04 -3.39
CA GLY A 41 -15.17 1.37 -4.72
C GLY A 41 -14.24 0.88 -5.79
N MET A 42 -13.79 -0.37 -5.68
CA MET A 42 -12.95 -0.96 -6.70
C MET A 42 -13.72 -2.05 -7.41
N ARG A 43 -13.51 -2.18 -8.71
CA ARG A 43 -14.26 -3.20 -9.43
C ARG A 43 -13.44 -4.46 -9.60
N PHE A 44 -14.14 -5.59 -9.67
CA PHE A 44 -13.50 -6.87 -9.99
C PHE A 44 -13.09 -6.87 -11.47
N SER A 45 -11.81 -7.04 -11.76
CA SER A 45 -11.37 -6.97 -13.14
C SER A 45 -10.67 -8.20 -13.68
N ALA A 46 -10.11 -9.06 -12.82
CA ALA A 46 -9.43 -10.26 -13.30
C ALA A 46 -9.50 -11.32 -12.23
N LYS A 47 -9.42 -12.57 -12.64
CA LYS A 47 -9.39 -13.70 -11.71
C LYS A 47 -8.47 -14.79 -12.23
N SER A 48 -7.95 -15.57 -11.29
CA SER A 48 -7.22 -16.81 -11.57
C SER A 48 -7.60 -17.75 -10.44
N ASP A 49 -8.32 -18.81 -10.77
CA ASP A 49 -8.89 -19.68 -9.74
C ASP A 49 -9.30 -20.99 -10.42
N LEU A 50 -10.09 -21.82 -9.71
CA LEU A 50 -10.47 -23.11 -10.26
C LEU A 50 -11.15 -22.96 -11.63
N SER A 51 -11.97 -21.92 -11.79
CA SER A 51 -12.68 -21.75 -13.05
C SER A 51 -11.75 -21.36 -14.21
N THR A 52 -10.52 -20.94 -13.94
CA THR A 52 -9.55 -20.65 -14.99
C THR A 52 -8.48 -21.74 -15.08
N GLY A 53 -8.65 -22.84 -14.36
CA GLY A 53 -7.71 -23.94 -14.41
C GLY A 53 -6.62 -23.91 -13.35
N ASN A 54 -6.65 -22.96 -12.44
CA ASN A 54 -5.65 -22.85 -11.38
C ASN A 54 -6.09 -23.73 -10.21
N MET A 55 -5.36 -24.83 -10.00
CA MET A 55 -5.66 -25.78 -8.92
C MET A 55 -4.90 -25.48 -7.64
N VAL A 56 -4.13 -24.39 -7.62
CA VAL A 56 -3.19 -24.09 -6.55
C VAL A 56 -3.69 -22.97 -5.67
N HIS A 57 -4.06 -21.83 -6.25
CA HIS A 57 -4.46 -20.67 -5.47
C HIS A 57 -5.63 -19.97 -6.15
N ALA A 58 -6.43 -19.31 -5.33
CA ALA A 58 -7.49 -18.43 -5.79
C ALA A 58 -6.98 -17.01 -5.72
N SER A 59 -7.03 -16.27 -6.84
CA SER A 59 -6.53 -14.90 -6.87
C SER A 59 -7.54 -14.01 -7.57
N TYR A 60 -7.93 -12.91 -6.90
CA TYR A 60 -8.90 -11.97 -7.47
C TYR A 60 -8.31 -10.58 -7.49
N LEU A 61 -8.44 -9.90 -8.63
CA LEU A 61 -7.86 -8.58 -8.82
C LEU A 61 -8.97 -7.53 -8.81
N LEU A 62 -8.82 -6.52 -7.95
CA LEU A 62 -9.67 -5.32 -7.95
C LEU A 62 -8.90 -4.14 -8.52
N THR A 63 -9.58 -3.25 -9.23
CA THR A 63 -8.90 -2.10 -9.78
C THR A 63 -9.73 -0.84 -9.54
N SER A 64 -9.05 0.29 -9.33
CA SER A 64 -9.70 1.60 -9.35
C SER A 64 -8.70 2.54 -9.99
N GLY A 65 -9.00 3.01 -11.20
CA GLY A 65 -7.98 3.77 -11.92
C GLY A 65 -6.78 2.89 -12.18
N ASP A 66 -5.61 3.37 -11.75
CA ASP A 66 -4.37 2.64 -11.88
C ASP A 66 -4.07 1.78 -10.66
N LEU A 67 -4.92 1.84 -9.63
CA LEU A 67 -4.66 1.07 -8.42
C LEU A 67 -5.10 -0.38 -8.64
N ARG A 68 -4.23 -1.31 -8.27
CA ARG A 68 -4.50 -2.73 -8.44
C ARG A 68 -4.26 -3.44 -7.11
N PHE A 69 -5.32 -4.01 -6.55
CA PHE A 69 -5.26 -4.83 -5.33
C PHE A 69 -5.53 -6.28 -5.72
N LEU A 70 -4.61 -7.18 -5.38
CA LEU A 70 -4.74 -8.60 -5.65
C LEU A 70 -4.93 -9.34 -4.32
N PHE A 71 -5.91 -10.24 -4.27
CA PHE A 71 -6.23 -11.02 -3.07
C PHE A 71 -6.05 -12.50 -3.40
N THR A 72 -5.19 -13.17 -2.65
CA THR A 72 -4.81 -14.55 -2.96
C THR A 72 -4.91 -15.42 -1.71
N ALA A 73 -5.40 -16.64 -1.90
CA ALA A 73 -5.53 -17.63 -0.84
C ALA A 73 -5.25 -19.01 -1.42
N PRO A 74 -4.72 -19.92 -0.61
CA PRO A 74 -4.40 -21.26 -1.13
C PRO A 74 -5.61 -22.18 -1.09
N TYR A 75 -5.70 -23.04 -2.11
CA TYR A 75 -6.63 -24.17 -2.07
C TYR A 75 -6.01 -25.31 -1.24
N SER A 76 -6.78 -26.37 -1.05
CA SER A 76 -6.19 -27.58 -0.48
C SER A 76 -4.99 -28.03 -1.32
N PRO A 77 -3.84 -28.31 -0.69
CA PRO A 77 -2.72 -28.86 -1.48
C PRO A 77 -3.07 -30.12 -2.25
N SER A 78 -4.08 -30.87 -1.80
CA SER A 78 -4.43 -32.12 -2.46
C SER A 78 -4.86 -31.91 -3.90
N LEU A 79 -5.45 -30.75 -4.24
CA LEU A 79 -5.89 -30.52 -5.62
C LEU A 79 -4.73 -30.50 -6.60
N SER A 80 -3.53 -30.19 -6.14
CA SER A 80 -2.37 -30.01 -7.01
C SER A 80 -1.23 -30.94 -6.62
N ALA A 81 -1.55 -31.99 -5.85
CA ALA A 81 -0.50 -32.84 -5.29
C ALA A 81 0.32 -33.55 -6.36
N GLY A 82 -0.25 -33.76 -7.54
CA GLY A 82 0.50 -34.39 -8.61
C GLY A 82 1.37 -33.47 -9.40
N GLU A 83 1.21 -32.15 -9.22
CA GLU A 83 1.98 -31.18 -9.97
C GLU A 83 3.40 -31.05 -9.42
N ILE A 84 4.31 -30.63 -10.30
CA ILE A 84 5.62 -30.12 -9.91
C ILE A 84 5.74 -28.73 -10.52
N LYS A 85 6.80 -28.01 -10.15
CA LYS A 85 6.90 -26.64 -10.66
C LYS A 85 6.88 -26.60 -12.19
N PRO A 86 7.58 -27.47 -12.91
CA PRO A 86 7.43 -27.51 -14.38
C PRO A 86 6.01 -27.70 -14.88
N THR A 87 5.13 -28.38 -14.13
CA THR A 87 3.77 -28.65 -14.57
C THR A 87 2.71 -27.86 -13.81
N THR A 88 3.09 -26.77 -13.14
CA THR A 88 2.17 -26.10 -12.22
C THR A 88 1.01 -25.46 -12.96
N THR A 89 -0.15 -25.42 -12.30
CA THR A 89 -1.29 -24.66 -12.79
C THR A 89 -1.42 -23.30 -12.10
N ALA A 90 -0.54 -23.00 -11.14
CA ALA A 90 -0.53 -21.67 -10.53
C ALA A 90 -0.22 -20.61 -11.58
N SER A 91 -0.92 -19.48 -11.50
CA SER A 91 -0.63 -18.36 -12.38
C SER A 91 0.45 -17.45 -11.82
N ILE A 92 0.72 -17.53 -10.53
CA ILE A 92 1.80 -16.77 -9.90
C ILE A 92 2.83 -17.78 -9.42
N PRO A 93 3.91 -18.01 -10.18
CA PRO A 93 4.80 -19.14 -9.87
C PRO A 93 5.53 -19.01 -8.55
N SER A 94 5.63 -17.81 -7.98
CA SER A 94 6.24 -17.67 -6.68
C SER A 94 5.35 -18.20 -5.55
N PHE A 95 4.07 -18.46 -5.81
CA PHE A 95 3.18 -18.87 -4.74
C PHE A 95 3.60 -20.22 -4.17
N ASP A 96 3.51 -20.34 -2.84
CA ASP A 96 3.77 -21.59 -2.14
C ASP A 96 2.73 -21.77 -1.03
N HIS A 97 2.05 -22.93 -1.01
CA HIS A 97 1.03 -23.20 0.00
C HIS A 97 1.56 -22.99 1.40
N GLY A 98 2.69 -23.64 1.72
CA GLY A 98 3.24 -23.53 3.06
C GLY A 98 3.61 -22.12 3.44
N SER A 99 4.23 -21.36 2.52
CA SER A 99 4.57 -19.98 2.79
C SER A 99 3.33 -19.14 3.08
N CYS A 100 2.30 -19.34 2.27
CA CYS A 100 1.10 -18.52 2.41
C CYS A 100 0.38 -18.84 3.72
N ARG A 101 0.25 -20.12 4.04
CA ARG A 101 -0.39 -20.48 5.32
C ARG A 101 0.43 -19.97 6.50
N SER A 102 1.76 -20.09 6.42
CA SER A 102 2.62 -19.61 7.49
C SER A 102 2.52 -18.09 7.65
N PHE A 103 2.51 -17.38 6.52
CA PHE A 103 2.35 -15.92 6.57
C PHE A 103 1.05 -15.54 7.25
N PHE A 104 -0.06 -16.15 6.84
CA PHE A 104 -1.35 -15.74 7.37
C PHE A 104 -1.49 -16.14 8.83
N SER A 105 -1.03 -17.33 9.19
CA SER A 105 -1.13 -17.72 10.60
C SER A 105 -0.24 -16.83 11.47
N SER A 106 0.90 -16.37 10.95
CA SER A 106 1.80 -15.53 11.72
C SER A 106 1.27 -14.10 11.84
N HIS A 107 0.88 -13.52 10.71
CA HIS A 107 0.62 -12.10 10.64
C HIS A 107 -0.86 -11.74 10.53
N GLY A 108 -1.73 -12.70 10.22
CA GLY A 108 -3.09 -12.39 9.85
C GLY A 108 -3.11 -11.74 8.47
N LEU A 109 -4.27 -11.18 8.14
CA LEU A 109 -4.49 -10.56 6.84
C LEU A 109 -3.53 -9.39 6.62
N GLY A 110 -2.82 -9.39 5.50
CA GLY A 110 -1.83 -8.35 5.29
C GLY A 110 -1.22 -8.45 3.91
N VAL A 111 -0.33 -7.49 3.64
CA VAL A 111 0.32 -7.39 2.34
C VAL A 111 1.52 -8.32 2.29
N ARG A 112 1.52 -9.23 1.32
CA ARG A 112 2.68 -10.07 1.03
C ARG A 112 3.63 -9.42 0.04
N ALA A 113 3.11 -8.75 -1.00
CA ALA A 113 3.97 -8.21 -2.05
C ALA A 113 3.62 -6.77 -2.37
N VAL A 114 4.67 -5.96 -2.45
CA VAL A 114 4.61 -4.60 -3.02
C VAL A 114 5.23 -4.74 -4.40
N ALA A 115 4.43 -4.60 -5.45
CA ALA A 115 4.91 -4.89 -6.80
C ALA A 115 5.14 -3.59 -7.55
N ILE A 116 6.34 -3.46 -8.13
CA ILE A 116 6.66 -2.31 -8.97
C ILE A 116 6.97 -2.77 -10.39
N GLU A 117 6.54 -1.99 -11.38
CA GLU A 117 6.85 -2.31 -12.75
C GLU A 117 8.23 -1.77 -13.08
N VAL A 118 9.05 -2.61 -13.71
CA VAL A 118 10.41 -2.25 -14.07
C VAL A 118 10.61 -2.51 -15.56
N GLU A 119 11.75 -2.05 -16.07
CA GLU A 119 12.03 -2.26 -17.48
C GLU A 119 12.36 -3.72 -17.77
N ASP A 120 13.06 -4.38 -16.86
CA ASP A 120 13.55 -5.74 -17.07
C ASP A 120 13.63 -6.38 -15.69
N ALA A 121 12.64 -7.22 -15.37
CA ALA A 121 12.57 -7.83 -14.05
C ALA A 121 13.76 -8.76 -13.79
N GLU A 122 14.24 -9.44 -14.84
CA GLU A 122 15.42 -10.28 -14.66
C GLU A 122 16.65 -9.46 -14.32
N SER A 123 16.84 -8.32 -15.01
CA SER A 123 17.95 -7.43 -14.66
C SER A 123 17.78 -6.84 -13.27
N ALA A 124 16.55 -6.39 -12.94
CA ALA A 124 16.33 -5.83 -11.62
C ALA A 124 16.66 -6.84 -10.53
N PHE A 125 16.28 -8.10 -10.73
CA PHE A 125 16.56 -9.13 -9.75
C PHE A 125 18.06 -9.33 -9.59
N SER A 126 18.75 -9.50 -10.72
CA SER A 126 20.20 -9.75 -10.70
C SER A 126 20.95 -8.61 -10.05
N ILE A 127 20.66 -7.38 -10.46
CA ILE A 127 21.33 -6.22 -9.88
C ILE A 127 20.97 -6.10 -8.40
N SER A 128 19.71 -6.36 -8.04
CA SER A 128 19.34 -6.25 -6.64
C SER A 128 20.13 -7.22 -5.77
N VAL A 129 20.18 -8.50 -6.16
CA VAL A 129 20.85 -9.47 -5.30
C VAL A 129 22.36 -9.27 -5.34
N ALA A 130 22.90 -8.78 -6.46
CA ALA A 130 24.31 -8.43 -6.49
C ALA A 130 24.63 -7.30 -5.53
N ASN A 131 23.62 -6.51 -5.16
CA ASN A 131 23.80 -5.39 -4.24
C ASN A 131 23.14 -5.63 -2.89
N GLY A 132 23.00 -6.89 -2.48
CA GLY A 132 22.64 -7.23 -1.12
C GLY A 132 21.21 -7.70 -0.92
N ALA A 133 20.36 -7.65 -1.94
CA ALA A 133 18.99 -8.12 -1.75
C ALA A 133 18.95 -9.62 -1.47
N ILE A 134 18.08 -10.01 -0.55
CA ILE A 134 17.87 -11.42 -0.22
C ILE A 134 16.84 -11.98 -1.23
N PRO A 135 17.23 -12.92 -2.08
CA PRO A 135 16.29 -13.41 -3.08
C PRO A 135 15.13 -14.17 -2.43
N SER A 136 13.95 -14.00 -3.02
CA SER A 136 12.76 -14.71 -2.57
C SER A 136 12.18 -15.61 -3.64
N SER A 137 12.10 -15.14 -4.89
CA SER A 137 11.66 -15.96 -6.00
C SER A 137 12.40 -15.51 -7.26
N PRO A 138 13.05 -16.43 -7.98
CA PRO A 138 13.89 -16.03 -9.10
C PRO A 138 13.04 -15.58 -10.28
N PRO A 139 13.64 -14.90 -11.25
CA PRO A 139 12.85 -14.44 -12.40
C PRO A 139 12.25 -15.64 -13.13
N ILE A 140 10.96 -15.53 -13.45
CA ILE A 140 10.25 -16.53 -14.22
C ILE A 140 9.51 -15.79 -15.32
N VAL A 141 9.62 -16.29 -16.55
CA VAL A 141 8.96 -15.69 -17.70
C VAL A 141 7.65 -16.40 -17.93
N LEU A 142 6.56 -15.63 -17.96
CA LEU A 142 5.20 -16.16 -18.07
C LEU A 142 4.72 -15.97 -19.50
N ASN A 143 4.44 -17.09 -20.18
CA ASN A 143 3.90 -17.10 -21.54
C ASN A 143 4.71 -16.20 -22.48
N GLU A 144 6.03 -16.18 -22.29
CA GLU A 144 6.95 -15.37 -23.09
C GLU A 144 6.53 -13.90 -23.13
N ALA A 145 5.76 -13.44 -22.16
CA ALA A 145 5.16 -12.11 -22.22
C ALA A 145 5.48 -11.25 -21.02
N VAL A 146 5.55 -11.82 -19.83
CA VAL A 146 5.74 -11.07 -18.60
C VAL A 146 6.80 -11.77 -17.77
N THR A 147 7.66 -10.98 -17.11
CA THR A 147 8.66 -11.54 -16.22
C THR A 147 8.40 -11.03 -14.80
N ILE A 148 8.47 -11.95 -13.84
CA ILE A 148 8.20 -11.63 -12.45
C ILE A 148 9.33 -12.20 -11.59
N ALA A 149 9.77 -11.43 -10.60
CA ALA A 149 10.81 -11.83 -9.66
C ALA A 149 10.57 -11.13 -8.34
N GLU A 150 11.09 -11.71 -7.25
CA GLU A 150 10.82 -11.20 -5.90
C GLU A 150 12.06 -11.23 -5.03
N VAL A 151 12.25 -10.17 -4.25
CA VAL A 151 13.29 -10.11 -3.23
C VAL A 151 12.64 -9.68 -1.91
N LYS A 152 13.30 -10.01 -0.80
CA LYS A 152 12.76 -9.64 0.49
C LYS A 152 12.85 -8.13 0.69
N LEU A 153 11.77 -7.55 1.20
CA LEU A 153 11.75 -6.13 1.51
C LEU A 153 11.92 -5.87 3.01
N TYR A 154 10.99 -6.36 3.82
CA TYR A 154 11.11 -6.35 5.27
C TYR A 154 10.12 -7.36 5.82
N GLY A 155 10.46 -7.95 6.98
CA GLY A 155 9.62 -9.01 7.51
C GLY A 155 9.41 -10.10 6.46
N ASP A 156 8.16 -10.49 6.28
CA ASP A 156 7.78 -11.43 5.24
C ASP A 156 7.14 -10.75 4.04
N VAL A 157 7.41 -9.45 3.87
CA VAL A 157 6.94 -8.69 2.72
C VAL A 157 8.01 -8.73 1.65
N VAL A 158 7.61 -8.98 0.40
CA VAL A 158 8.55 -9.02 -0.71
C VAL A 158 8.34 -7.81 -1.61
N LEU A 159 9.43 -7.34 -2.21
CA LEU A 159 9.37 -6.40 -3.31
C LEU A 159 9.34 -7.21 -4.60
N ARG A 160 8.27 -7.06 -5.38
CA ARG A 160 8.06 -7.85 -6.57
C ARG A 160 8.35 -7.00 -7.79
N TYR A 161 9.22 -7.49 -8.66
CA TYR A 161 9.49 -6.82 -9.92
C TYR A 161 8.66 -7.47 -11.02
N VAL A 162 8.00 -6.65 -11.84
CA VAL A 162 7.23 -7.13 -12.99
C VAL A 162 7.65 -6.31 -14.21
N SER A 163 7.92 -6.98 -15.33
CA SER A 163 8.27 -6.32 -16.58
C SER A 163 7.51 -6.96 -17.72
N TYR A 164 7.11 -6.14 -18.68
CA TYR A 164 6.32 -6.58 -19.82
C TYR A 164 7.12 -6.38 -21.10
N LYS A 165 7.11 -7.40 -21.97
CA LYS A 165 7.70 -7.22 -23.29
C LYS A 165 6.95 -6.14 -24.07
N ALA A 166 5.64 -6.28 -24.19
CA ALA A 166 4.82 -5.29 -24.88
C ALA A 166 4.26 -4.27 -23.88
N GLU A 173 -5.12 -9.16 -19.02
CA GLU A 173 -3.74 -8.75 -19.31
C GLU A 173 -2.96 -8.42 -18.04
N PHE A 174 -3.57 -8.59 -16.87
CA PHE A 174 -2.82 -8.39 -15.65
C PHE A 174 -1.58 -9.28 -15.66
N LEU A 175 -1.80 -10.58 -15.65
CA LEU A 175 -0.76 -11.59 -15.80
C LEU A 175 -1.30 -12.69 -16.69
N PRO A 176 -0.43 -13.41 -17.40
CA PRO A 176 -0.89 -14.58 -18.15
C PRO A 176 -1.58 -15.57 -17.23
N GLY A 177 -2.63 -16.20 -17.73
CA GLY A 177 -3.40 -17.12 -16.93
C GLY A 177 -4.52 -16.48 -16.15
N PHE A 178 -4.52 -15.15 -16.02
CA PHE A 178 -5.67 -14.44 -15.45
C PHE A 178 -6.68 -14.20 -16.55
N GLU A 179 -7.96 -14.34 -16.22
CA GLU A 179 -9.04 -14.04 -17.14
C GLU A 179 -9.75 -12.77 -16.70
N ARG A 180 -10.21 -11.98 -17.67
CA ARG A 180 -11.05 -10.84 -17.34
C ARG A 180 -12.41 -11.33 -16.85
N VAL A 181 -13.01 -10.55 -15.98
CA VAL A 181 -14.19 -10.98 -15.24
C VAL A 181 -15.44 -10.62 -16.02
N GLU A 182 -16.40 -11.55 -16.00
CA GLU A 182 -17.68 -11.41 -16.70
C GLU A 182 -18.37 -10.10 -16.36
N ASP A 183 -18.97 -9.45 -17.36
CA ASP A 183 -19.50 -8.11 -17.12
C ASP A 183 -20.74 -8.11 -16.21
N ALA A 184 -21.36 -9.28 -16.00
CA ALA A 184 -22.40 -9.36 -14.97
C ALA A 184 -21.82 -9.22 -13.56
N SER A 185 -20.57 -9.68 -13.33
CA SER A 185 -20.02 -9.76 -11.98
C SER A 185 -18.91 -8.75 -11.65
N SER A 186 -18.77 -7.70 -12.48
CA SER A 186 -17.84 -6.58 -12.34
C SER A 186 -18.70 -5.31 -12.44
N PHE A 187 -19.39 -5.00 -11.36
CA PHE A 187 -20.12 -3.75 -11.23
C PHE A 187 -19.15 -2.57 -11.23
N PRO A 188 -19.43 -1.48 -11.99
CA PRO A 188 -18.42 -0.42 -12.17
C PRO A 188 -18.40 0.58 -11.01
N LEU A 189 -18.12 0.08 -9.82
CA LEU A 189 -17.95 0.96 -8.67
C LEU A 189 -16.75 1.89 -8.88
N ASP A 190 -16.86 3.10 -8.34
CA ASP A 190 -15.78 4.08 -8.41
C ASP A 190 -16.05 5.21 -7.44
N TYR A 191 -15.25 5.31 -6.37
CA TYR A 191 -15.36 6.40 -5.41
C TYR A 191 -14.28 7.45 -5.60
N GLY A 192 -13.49 7.35 -6.66
CA GLY A 192 -12.49 8.36 -6.98
C GLY A 192 -11.05 7.96 -6.75
N ILE A 193 -10.77 6.76 -6.24
CA ILE A 193 -9.39 6.38 -6.01
C ILE A 193 -8.71 6.03 -7.34
N ARG A 194 -7.45 6.45 -7.47
CA ARG A 194 -6.81 6.41 -8.79
C ARG A 194 -5.44 5.74 -8.79
N ARG A 195 -4.67 5.80 -7.71
CA ARG A 195 -3.37 5.13 -7.75
C ARG A 195 -2.81 4.99 -6.35
N LEU A 196 -1.78 4.14 -6.21
CA LEU A 196 -1.07 4.00 -4.95
C LEU A 196 -0.04 5.12 -4.84
N ASP A 197 -0.14 5.92 -3.79
CA ASP A 197 0.83 6.99 -3.60
C ASP A 197 2.08 6.52 -2.86
N HIS A 198 1.92 5.75 -1.79
CA HIS A 198 3.07 5.21 -1.07
C HIS A 198 2.65 4.00 -0.24
N ALA A 199 3.66 3.22 0.15
CA ALA A 199 3.49 1.98 0.90
C ALA A 199 4.51 1.97 2.02
N VAL A 200 4.05 1.81 3.26
CA VAL A 200 4.84 2.11 4.45
C VAL A 200 5.07 0.84 5.24
N GLY A 201 6.32 0.60 5.64
CA GLY A 201 6.66 -0.54 6.48
C GLY A 201 6.99 -0.14 7.91
N ASN A 202 6.69 -1.03 8.85
CA ASN A 202 7.13 -0.90 10.24
C ASN A 202 8.21 -1.92 10.52
N VAL A 203 9.32 -1.48 11.10
CA VAL A 203 10.42 -2.38 11.42
C VAL A 203 10.88 -2.11 12.85
N PRO A 204 11.58 -3.06 13.47
CA PRO A 204 12.14 -2.78 14.80
C PRO A 204 13.29 -1.78 14.77
N GLU A 205 14.09 -1.76 13.71
CA GLU A 205 15.27 -0.89 13.62
C GLU A 205 15.31 -0.23 12.26
N LEU A 206 15.12 1.09 12.24
CA LEU A 206 15.04 1.84 10.99
C LEU A 206 16.37 1.83 10.23
N GLY A 207 17.48 2.06 10.93
CA GLY A 207 18.77 2.18 10.30
C GLY A 207 19.13 1.02 9.40
N PRO A 208 19.14 -0.21 9.95
CA PRO A 208 19.47 -1.38 9.13
C PRO A 208 18.47 -1.65 8.02
N ALA A 209 17.19 -1.33 8.23
CA ALA A 209 16.21 -1.51 7.16
C ALA A 209 16.48 -0.56 6.00
N LEU A 210 16.81 0.69 6.30
CA LEU A 210 17.09 1.66 5.24
C LEU A 210 18.34 1.27 4.45
N THR A 211 19.40 0.92 5.18
CA THR A 211 20.64 0.53 4.54
C THR A 211 20.44 -0.65 3.61
N TYR A 212 19.65 -1.64 4.04
CA TYR A 212 19.39 -2.80 3.21
C TYR A 212 18.66 -2.42 1.92
N VAL A 213 17.52 -1.72 2.03
CA VAL A 213 16.70 -1.46 0.85
C VAL A 213 17.36 -0.46 -0.06
N ALA A 214 17.82 0.67 0.49
CA ALA A 214 18.57 1.62 -0.33
C ALA A 214 19.81 0.97 -0.93
N GLY A 215 20.38 0.01 -0.21
CA GLY A 215 21.55 -0.71 -0.71
C GLY A 215 21.30 -1.42 -2.04
N PHE A 216 20.20 -2.18 -2.14
CA PHE A 216 19.99 -2.97 -3.35
C PHE A 216 19.17 -2.26 -4.42
N THR A 217 18.44 -1.19 -4.09
CA THR A 217 17.68 -0.46 -5.10
C THR A 217 18.39 0.76 -5.64
N GLY A 218 19.22 1.42 -4.84
CA GLY A 218 19.66 2.75 -5.18
C GLY A 218 18.62 3.82 -4.98
N PHE A 219 17.48 3.50 -4.35
CA PHE A 219 16.53 4.53 -3.97
C PHE A 219 17.19 5.49 -2.99
N HIS A 220 16.84 6.77 -3.10
CA HIS A 220 17.44 7.81 -2.29
C HIS A 220 16.48 8.24 -1.18
N GLN A 221 17.02 8.92 -0.18
CA GLN A 221 16.19 9.43 0.89
C GLN A 221 15.43 10.66 0.41
N PHE A 222 14.12 10.63 0.57
CA PHE A 222 13.26 11.68 0.05
C PHE A 222 13.24 12.86 1.01
N ALA A 223 13.37 14.07 0.44
CA ALA A 223 13.29 15.37 1.10
C ALA A 223 12.90 15.36 2.59
N GLU A 234 8.81 12.67 19.11
CA GLU A 234 8.16 13.06 20.36
C GLU A 234 6.83 12.31 20.54
N SER A 235 6.45 11.51 19.55
CA SER A 235 5.17 10.80 19.58
C SER A 235 5.26 9.53 18.73
N GLY A 236 6.08 8.59 19.20
CA GLY A 236 5.92 7.22 18.76
C GLY A 236 6.94 6.63 17.80
N LEU A 237 7.47 7.42 16.88
CA LEU A 237 8.22 6.82 15.77
C LEU A 237 9.33 7.73 15.30
N ASN A 238 10.32 7.10 14.65
CA ASN A 238 11.20 7.75 13.69
C ASN A 238 10.93 7.12 12.33
N SER A 239 11.08 7.92 11.28
CA SER A 239 10.79 7.43 9.95
C SER A 239 11.70 8.09 8.93
N ALA A 240 11.74 7.48 7.75
CA ALA A 240 12.46 8.03 6.61
C ALA A 240 11.83 7.42 5.37
N VAL A 241 12.01 8.10 4.23
CA VAL A 241 11.32 7.72 3.01
C VAL A 241 12.34 7.46 1.91
N LEU A 242 12.25 6.28 1.29
CA LEU A 242 13.06 5.94 0.14
C LEU A 242 12.26 6.18 -1.13
N ALA A 243 12.93 6.69 -2.17
CA ALA A 243 12.25 7.11 -3.39
C ALA A 243 13.04 6.73 -4.63
N SER A 244 12.30 6.40 -5.70
CA SER A 244 12.89 6.14 -7.01
C SER A 244 13.31 7.46 -7.66
N ASN A 245 13.88 7.34 -8.87
CA ASN A 245 14.49 8.49 -9.54
C ASN A 245 13.50 9.64 -9.73
N ASP A 246 12.31 9.35 -10.24
CA ASP A 246 11.31 10.41 -10.40
C ASP A 246 10.43 10.56 -9.18
N GLU A 247 10.74 9.85 -8.09
CA GLU A 247 10.07 9.98 -6.80
C GLU A 247 8.59 9.61 -6.90
N MET A 248 8.26 8.69 -7.82
CA MET A 248 6.91 8.16 -7.95
C MET A 248 6.72 6.83 -7.22
N VAL A 249 7.78 6.09 -6.97
CA VAL A 249 7.75 4.95 -6.06
C VAL A 249 8.29 5.46 -4.73
N LEU A 250 7.44 5.45 -3.71
CA LEU A 250 7.75 6.03 -2.41
C LEU A 250 7.52 4.98 -1.35
N LEU A 251 8.56 4.69 -0.57
CA LEU A 251 8.56 3.62 0.42
C LEU A 251 9.04 4.15 1.76
N PRO A 252 8.15 4.78 2.54
CA PRO A 252 8.51 5.14 3.91
C PRO A 252 8.66 3.93 4.81
N ILE A 253 9.52 4.07 5.82
CA ILE A 253 9.75 3.04 6.83
C ILE A 253 9.77 3.72 8.20
N ASN A 254 9.11 3.08 9.17
CA ASN A 254 9.01 3.57 10.55
C ASN A 254 9.67 2.59 11.51
N GLU A 255 10.27 3.13 12.58
CA GLU A 255 10.68 2.35 13.74
C GLU A 255 10.04 2.94 15.00
N PRO A 256 9.84 2.13 16.03
CA PRO A 256 9.25 2.68 17.26
C PRO A 256 10.26 3.51 18.06
N VAL A 257 9.73 4.43 18.86
CA VAL A 257 10.50 5.12 19.88
C VAL A 257 9.97 4.66 21.23
N HIS A 258 10.84 4.04 22.02
CA HIS A 258 10.43 3.41 23.27
C HIS A 258 10.54 4.36 24.45
N GLY A 259 9.83 4.02 25.53
CA GLY A 259 9.89 4.77 26.76
C GLY A 259 9.04 6.03 26.80
N THR A 260 8.16 6.23 25.82
CA THR A 260 7.32 7.41 25.77
C THR A 260 6.09 7.23 26.66
N LYS A 261 5.43 8.36 26.94
CA LYS A 261 4.22 8.36 27.76
C LYS A 261 3.16 7.44 27.16
N ARG A 262 2.65 7.78 25.98
CA ARG A 262 1.78 6.89 25.24
C ARG A 262 2.60 5.84 24.50
N LYS A 263 2.14 4.60 24.55
CA LYS A 263 2.86 3.51 23.91
C LYS A 263 2.90 3.71 22.40
N SER A 264 4.07 3.44 21.81
CA SER A 264 4.23 3.62 20.37
C SER A 264 3.30 2.69 19.59
N GLN A 265 2.53 3.28 18.68
CA GLN A 265 1.71 2.48 17.78
C GLN A 265 2.56 1.61 16.88
N ILE A 266 3.82 2.00 16.62
CA ILE A 266 4.71 1.13 15.85
C ILE A 266 5.02 -0.13 16.64
N GLN A 267 5.27 0.00 17.95
CA GLN A 267 5.54 -1.17 18.77
C GLN A 267 4.29 -2.05 18.89
N THR A 268 3.11 -1.44 19.04
CA THR A 268 1.89 -2.24 19.07
C THR A 268 1.75 -3.05 17.78
N TYR A 269 2.01 -2.41 16.63
CA TYR A 269 1.99 -3.13 15.36
C TYR A 269 2.92 -4.34 15.41
N LEU A 270 4.18 -4.11 15.78
CA LEU A 270 5.16 -5.19 15.75
C LEU A 270 4.73 -6.35 16.63
N GLU A 271 4.10 -6.05 17.78
CA GLU A 271 3.66 -7.10 18.67
C GLU A 271 2.50 -7.89 18.08
N HIS A 272 1.48 -7.18 17.57
CA HIS A 272 0.30 -7.87 17.06
C HIS A 272 0.56 -8.54 15.71
N ASN A 273 1.51 -8.01 14.93
CA ASN A 273 1.83 -8.56 13.62
C ASN A 273 2.85 -9.69 13.68
N GLU A 274 3.42 -9.95 14.85
CA GLU A 274 4.57 -10.85 14.98
C GLU A 274 5.73 -10.36 14.13
N GLY A 275 6.05 -9.08 14.24
CA GLY A 275 7.24 -8.52 13.66
C GLY A 275 6.96 -7.54 12.55
N ALA A 276 8.03 -7.22 11.81
CA ALA A 276 7.96 -6.22 10.75
C ALA A 276 6.95 -6.61 9.68
N GLY A 277 6.39 -5.59 9.05
CA GLY A 277 5.49 -5.79 7.94
C GLY A 277 5.01 -4.46 7.41
N LEU A 278 4.07 -4.53 6.46
CA LEU A 278 3.53 -3.32 5.87
C LEU A 278 2.52 -2.69 6.81
N GLN A 279 2.69 -1.40 7.11
CA GLN A 279 1.82 -0.68 8.04
C GLN A 279 0.64 -0.03 7.33
N HIS A 280 0.89 0.79 6.30
CA HIS A 280 -0.28 1.35 5.62
C HIS A 280 -0.02 1.55 4.14
N LEU A 281 -1.12 1.53 3.39
CA LEU A 281 -1.14 1.87 1.98
C LEU A 281 -1.84 3.21 1.82
N ALA A 282 -1.21 4.15 1.14
CA ALA A 282 -1.82 5.45 0.87
C ALA A 282 -2.32 5.49 -0.57
N LEU A 283 -3.61 5.76 -0.73
CA LEU A 283 -4.29 5.68 -2.01
C LEU A 283 -4.67 7.08 -2.43
N MET A 284 -4.14 7.53 -3.56
CA MET A 284 -4.45 8.86 -4.06
C MET A 284 -5.86 8.89 -4.64
N SER A 285 -6.62 9.92 -4.28
CA SER A 285 -7.94 10.19 -4.81
C SER A 285 -7.87 11.41 -5.72
N GLU A 286 -8.60 11.35 -6.83
CA GLU A 286 -8.81 12.54 -7.67
C GLU A 286 -9.79 13.52 -7.05
N ASP A 287 -10.44 13.15 -5.95
CA ASP A 287 -11.44 14.02 -5.31
C ASP A 287 -11.69 13.44 -3.93
N ILE A 288 -10.87 13.84 -2.96
CA ILE A 288 -10.90 13.20 -1.65
C ILE A 288 -12.23 13.44 -0.96
N PHE A 289 -12.91 14.56 -1.24
CA PHE A 289 -14.20 14.78 -0.62
C PHE A 289 -15.22 13.75 -1.11
N ARG A 290 -15.25 13.47 -2.41
CA ARG A 290 -16.17 12.45 -2.91
C ARG A 290 -15.81 11.08 -2.36
N THR A 291 -14.51 10.75 -2.37
CA THR A 291 -14.09 9.44 -1.87
C THR A 291 -14.54 9.23 -0.44
N LEU A 292 -14.36 10.26 0.41
CA LEU A 292 -14.69 10.11 1.81
C LEU A 292 -16.20 10.12 2.04
N ARG A 293 -16.95 10.91 1.27
CA ARG A 293 -18.40 10.79 1.35
C ARG A 293 -18.84 9.37 1.03
N GLU A 294 -18.32 8.79 -0.06
CA GLU A 294 -18.74 7.46 -0.48
C GLU A 294 -18.28 6.39 0.51
N MET A 295 -17.03 6.47 0.97
CA MET A 295 -16.56 5.47 1.94
C MET A 295 -17.29 5.57 3.27
N ARG A 296 -17.57 6.79 3.75
CA ARG A 296 -18.22 6.93 5.06
C ARG A 296 -19.67 6.48 5.02
N LYS A 297 -20.32 6.60 3.86
CA LYS A 297 -21.68 6.08 3.71
C LYS A 297 -21.74 4.59 3.93
N ARG A 298 -20.64 3.90 3.66
CA ARG A 298 -20.60 2.45 3.69
C ARG A 298 -19.90 1.88 4.93
N SER A 299 -19.42 2.72 5.86
CA SER A 299 -18.62 2.23 6.98
C SER A 299 -19.35 1.16 7.78
N SER A 300 -20.64 1.37 8.04
CA SER A 300 -21.40 0.48 8.91
C SER A 300 -22.22 -0.54 8.12
N ILE A 301 -22.05 -0.59 6.80
CA ILE A 301 -22.73 -1.58 5.96
C ILE A 301 -21.73 -2.35 5.11
N GLY A 302 -20.62 -2.75 5.73
CA GLY A 302 -19.66 -3.67 5.13
C GLY A 302 -18.35 -3.02 4.71
N GLY A 303 -18.27 -1.69 4.75
CA GLY A 303 -17.07 -0.99 4.31
C GLY A 303 -16.03 -0.77 5.39
N PHE A 304 -15.34 0.36 5.35
CA PHE A 304 -14.26 0.65 6.28
C PHE A 304 -14.63 1.78 7.23
N ASP A 305 -14.15 1.66 8.46
CA ASP A 305 -14.28 2.70 9.47
C ASP A 305 -13.09 3.64 9.41
N PHE A 306 -13.30 4.85 9.90
CA PHE A 306 -12.23 5.85 9.93
C PHE A 306 -11.85 6.18 11.36
N MET A 307 -10.61 6.64 11.53
CA MET A 307 -10.13 7.04 12.84
C MET A 307 -11.02 8.16 13.39
N PRO A 308 -11.02 8.36 14.71
CA PRO A 308 -11.87 9.41 15.29
C PRO A 308 -11.48 10.78 14.76
N SER A 309 -12.49 11.58 14.46
CA SER A 309 -12.24 12.87 13.84
C SER A 309 -11.51 13.80 14.80
N PRO A 310 -10.70 14.72 14.29
CA PRO A 310 -10.05 15.70 15.16
C PRO A 310 -11.06 16.70 15.69
N PRO A 311 -10.75 17.37 16.80
CA PRO A 311 -11.69 18.32 17.40
C PRO A 311 -11.89 19.53 16.50
N PRO A 312 -12.97 20.29 16.69
CA PRO A 312 -13.20 21.48 15.84
C PRO A 312 -12.09 22.51 15.94
N THR A 313 -11.34 22.55 17.04
CA THR A 313 -10.20 23.45 17.13
C THR A 313 -9.20 23.17 16.02
N TYR A 314 -9.05 21.90 15.64
CA TYR A 314 -8.19 21.58 14.50
C TYR A 314 -8.63 22.31 13.25
N TYR A 315 -9.94 22.39 13.01
CA TYR A 315 -10.40 23.02 11.80
C TYR A 315 -10.43 24.54 11.93
N GLN A 316 -10.62 25.05 13.15
CA GLN A 316 -10.43 26.48 13.38
C GLN A 316 -9.00 26.89 13.06
N ASN A 317 -8.03 26.10 13.53
CA ASN A 317 -6.61 26.38 13.27
C ASN A 317 -6.23 26.18 11.81
N LEU A 318 -7.08 25.55 10.99
CA LEU A 318 -6.75 25.35 9.59
C LEU A 318 -6.72 26.66 8.82
N LYS A 319 -7.52 27.64 9.25
CA LYS A 319 -7.57 28.92 8.56
C LYS A 319 -6.20 29.59 8.53
N LYS A 320 -5.51 29.60 9.67
CA LYS A 320 -4.18 30.22 9.72
C LYS A 320 -3.14 29.42 8.95
N ARG A 321 -3.36 28.12 8.79
CA ARG A 321 -2.32 27.27 8.19
C ARG A 321 -2.48 27.12 6.68
N VAL A 322 -3.71 27.04 6.16
CA VAL A 322 -3.91 26.73 4.75
C VAL A 322 -5.02 27.60 4.16
N GLY A 323 -5.38 28.69 4.86
CA GLY A 323 -6.41 29.58 4.37
C GLY A 323 -6.13 30.17 2.99
N ASP A 324 -4.88 30.14 2.55
CA ASP A 324 -4.52 30.57 1.20
C ASP A 324 -4.68 29.47 0.16
N VAL A 325 -4.91 28.23 0.59
CA VAL A 325 -5.03 27.10 -0.32
C VAL A 325 -6.46 26.61 -0.41
N LEU A 326 -7.19 26.59 0.70
CA LEU A 326 -8.56 26.12 0.75
C LEU A 326 -9.48 27.25 1.19
N SER A 327 -10.62 27.35 0.52
CA SER A 327 -11.65 28.29 0.92
C SER A 327 -12.28 27.87 2.24
N ASP A 328 -13.09 28.75 2.81
CA ASP A 328 -13.80 28.42 4.05
C ASP A 328 -14.76 27.26 3.83
N ASP A 329 -15.45 27.24 2.68
CA ASP A 329 -16.37 26.15 2.38
C ASP A 329 -15.63 24.83 2.25
N GLN A 330 -14.46 24.85 1.61
CA GLN A 330 -13.68 23.64 1.45
C GLN A 330 -13.05 23.19 2.77
N ILE A 331 -12.79 24.14 3.68
CA ILE A 331 -12.26 23.76 4.99
C ILE A 331 -13.35 23.15 5.86
N LYS A 332 -14.56 23.72 5.85
CA LYS A 332 -15.63 23.11 6.62
C LYS A 332 -16.04 21.75 6.03
N GLU A 333 -15.85 21.57 4.73
CA GLU A 333 -16.06 20.25 4.14
C GLU A 333 -15.02 19.26 4.64
N CYS A 334 -13.77 19.71 4.85
CA CYS A 334 -12.80 18.89 5.55
C CYS A 334 -13.29 18.53 6.95
N GLU A 335 -13.94 19.47 7.63
CA GLU A 335 -14.39 19.20 8.99
C GLU A 335 -15.51 18.16 9.00
N GLU A 336 -16.44 18.23 8.04
CA GLU A 336 -17.52 17.25 8.01
C GLU A 336 -16.99 15.84 7.86
N LEU A 337 -15.95 15.65 7.05
CA LEU A 337 -15.44 14.35 6.70
C LEU A 337 -14.26 13.91 7.56
N GLY A 338 -13.80 14.75 8.48
CA GLY A 338 -12.70 14.40 9.36
C GLY A 338 -11.36 14.37 8.69
N ILE A 339 -11.20 15.11 7.59
CA ILE A 339 -9.96 15.12 6.81
C ILE A 339 -8.90 15.94 7.54
N LEU A 340 -7.65 15.46 7.49
CA LEU A 340 -6.48 16.19 7.98
C LEU A 340 -5.79 16.93 6.84
N VAL A 341 -5.13 18.02 7.18
CA VAL A 341 -4.40 18.84 6.21
C VAL A 341 -3.00 19.10 6.75
N ASP A 342 -1.99 18.96 5.88
CA ASP A 342 -0.64 19.37 6.21
C ASP A 342 -0.01 20.02 5.00
N ARG A 343 1.12 20.68 5.22
CA ARG A 343 1.71 21.51 4.18
C ARG A 343 3.23 21.42 4.20
N ASP A 344 3.80 21.31 2.99
CA ASP A 344 5.23 21.39 2.74
C ASP A 344 5.63 22.85 2.54
N ASP A 345 6.89 23.04 2.14
CA ASP A 345 7.31 24.28 1.49
C ASP A 345 6.91 24.31 0.02
N GLN A 346 6.44 23.20 -0.53
CA GLN A 346 6.13 23.08 -1.95
C GLN A 346 4.68 22.80 -2.26
N GLY A 347 3.96 22.08 -1.40
CA GLY A 347 2.58 21.72 -1.68
C GLY A 347 1.80 21.46 -0.42
N THR A 348 0.52 21.14 -0.62
CA THR A 348 -0.42 20.88 0.45
C THR A 348 -0.96 19.47 0.33
N LEU A 349 -1.29 18.88 1.48
CA LEU A 349 -1.69 17.48 1.56
C LEU A 349 -2.98 17.38 2.34
N LEU A 350 -3.96 16.68 1.77
CA LEU A 350 -5.17 16.28 2.46
C LEU A 350 -5.11 14.78 2.70
N GLN A 351 -5.39 14.33 3.94
CA GLN A 351 -5.24 12.90 4.26
C GLN A 351 -6.24 12.47 5.34
N ILE A 352 -6.50 11.16 5.38
CA ILE A 352 -7.29 10.59 6.46
C ILE A 352 -6.93 9.11 6.54
N PHE A 353 -7.10 8.55 7.73
CA PHE A 353 -6.69 7.17 8.00
C PHE A 353 -7.90 6.33 8.39
N THR A 354 -7.95 5.11 7.86
CA THR A 354 -8.96 4.16 8.28
C THR A 354 -8.55 3.50 9.60
N LYS A 355 -9.54 2.92 10.27
CA LYS A 355 -9.22 1.94 11.29
C LYS A 355 -8.59 0.73 10.63
N PRO A 356 -7.96 -0.15 11.41
CA PRO A 356 -7.32 -1.34 10.82
C PRO A 356 -8.27 -2.12 9.92
N LEU A 357 -7.69 -2.68 8.85
CA LEU A 357 -8.48 -3.32 7.81
C LEU A 357 -9.03 -4.67 8.24
N GLY A 358 -8.41 -5.30 9.24
CA GLY A 358 -8.83 -6.62 9.67
C GLY A 358 -8.88 -6.76 11.18
N ASP A 359 -8.77 -8.01 11.67
CA ASP A 359 -8.91 -8.26 13.10
C ASP A 359 -7.82 -7.58 13.92
N ARG A 360 -6.61 -7.56 13.40
CA ARG A 360 -5.49 -7.12 14.23
C ARG A 360 -5.23 -5.64 14.04
N PRO A 361 -4.70 -4.94 15.12
CA PRO A 361 -4.36 -3.51 14.99
C PRO A 361 -3.03 -3.35 14.27
N THR A 362 -3.03 -3.68 12.97
CA THR A 362 -1.82 -3.74 12.18
C THR A 362 -2.02 -2.85 10.96
N ILE A 363 -2.40 -3.40 9.81
CA ILE A 363 -2.47 -2.65 8.56
C ILE A 363 -3.71 -1.75 8.54
N PHE A 364 -3.56 -0.55 7.99
CA PHE A 364 -4.67 0.35 7.73
C PHE A 364 -4.43 1.03 6.39
N ILE A 365 -5.41 1.82 5.93
CA ILE A 365 -5.34 2.53 4.66
C ILE A 365 -5.37 4.02 4.95
N GLU A 366 -4.63 4.77 4.15
CA GLU A 366 -4.70 6.23 4.12
C GLU A 366 -5.30 6.64 2.79
N ILE A 367 -6.20 7.62 2.80
CA ILE A 367 -6.67 8.26 1.59
C ILE A 367 -6.04 9.64 1.52
N ILE A 368 -5.54 10.00 0.34
CA ILE A 368 -4.68 11.17 0.16
C ILE A 368 -5.05 11.91 -1.11
N GLN A 369 -4.94 13.24 -1.05
CA GLN A 369 -4.92 14.05 -2.26
C GLN A 369 -3.94 15.19 -2.05
N ARG A 370 -3.17 15.49 -3.10
CA ARG A 370 -2.07 16.44 -3.03
C ARG A 370 -2.35 17.65 -3.91
N VAL A 371 -1.99 18.83 -3.42
CA VAL A 371 -2.27 20.09 -4.11
C VAL A 371 -0.95 20.80 -4.32
N GLY A 372 -0.59 21.04 -5.58
CA GLY A 372 0.59 21.82 -5.90
C GLY A 372 1.64 21.09 -6.73
N CYS A 373 2.87 21.61 -6.70
CA CYS A 373 4.04 20.99 -7.35
C CYS A 373 3.71 20.55 -8.78
N MET A 374 3.13 21.45 -9.56
CA MET A 374 2.79 21.15 -10.94
C MET A 374 3.91 21.57 -11.87
N MET A 375 4.30 20.66 -12.75
CA MET A 375 5.32 20.95 -13.75
C MET A 375 4.76 20.70 -15.14
N TYR A 383 1.94 17.77 -15.12
CA TYR A 383 1.99 16.66 -14.16
C TYR A 383 2.38 17.18 -12.79
N GLN A 384 2.16 16.34 -11.76
CA GLN A 384 2.47 16.68 -10.39
C GLN A 384 3.66 15.85 -9.92
N SER A 385 4.62 16.50 -9.28
CA SER A 385 5.80 15.78 -8.82
C SER A 385 5.45 14.93 -7.60
N GLY A 386 6.21 13.84 -7.43
CA GLY A 386 5.88 12.88 -6.40
C GLY A 386 6.09 13.44 -5.00
N GLY A 387 5.24 13.00 -4.07
CA GLY A 387 5.39 13.40 -2.70
C GLY A 387 5.07 14.84 -2.40
N CYS A 388 4.38 15.53 -3.31
CA CYS A 388 4.01 16.93 -3.13
C CYS A 388 3.29 17.18 -1.81
N GLY A 389 3.90 17.95 -0.92
CA GLY A 389 3.30 18.23 0.36
C GLY A 389 3.80 17.34 1.49
N GLY A 390 4.57 16.31 1.18
CA GLY A 390 5.14 15.46 2.21
C GLY A 390 4.24 14.29 2.57
N PHE A 391 4.31 13.86 3.83
CA PHE A 391 3.54 12.71 4.28
C PHE A 391 2.68 13.02 5.51
N GLY A 392 2.60 14.29 5.89
CA GLY A 392 1.71 14.69 6.96
C GLY A 392 2.28 14.59 8.34
N LYS A 393 3.61 14.53 8.48
CA LYS A 393 4.21 14.37 9.80
C LYS A 393 3.90 15.54 10.71
N GLY A 394 3.63 16.72 10.15
CA GLY A 394 3.21 17.84 10.95
C GLY A 394 1.90 17.62 11.66
N ASN A 395 1.12 16.63 11.22
CA ASN A 395 -0.18 16.39 11.84
C ASN A 395 -0.09 15.67 13.18
N PHE A 396 1.06 15.09 13.53
CA PHE A 396 1.23 14.60 14.90
C PHE A 396 1.18 15.76 15.89
N SER A 397 1.98 16.79 15.64
CA SER A 397 1.97 17.96 16.51
C SER A 397 0.63 18.67 16.49
N GLU A 398 0.10 18.94 15.29
CA GLU A 398 -1.13 19.73 15.18
C GLU A 398 -2.33 19.01 15.77
N LEU A 399 -2.44 17.70 15.53
CA LEU A 399 -3.49 16.93 16.20
C LEU A 399 -3.42 17.10 17.70
N PHE A 400 -2.25 16.81 18.28
CA PHE A 400 -2.04 16.97 19.71
C PHE A 400 -2.44 18.35 20.18
N LYS A 401 -1.94 19.39 19.50
CA LYS A 401 -2.26 20.76 19.88
C LYS A 401 -3.77 20.97 19.90
N SER A 402 -4.46 20.49 18.87
CA SER A 402 -5.92 20.62 18.83
C SER A 402 -6.57 19.87 19.98
N ILE A 403 -6.01 18.72 20.38
CA ILE A 403 -6.53 17.98 21.53
C ILE A 403 -6.54 18.85 22.77
N GLU A 404 -5.37 19.42 23.11
CA GLU A 404 -5.25 20.21 24.33
C GLU A 404 -6.05 21.51 24.21
N GLU A 405 -5.90 22.23 23.08
CA GLU A 405 -6.65 23.46 22.87
C GLU A 405 -8.15 23.22 23.04
N TYR A 406 -8.67 22.15 22.44
CA TYR A 406 -10.09 21.86 22.55
C TYR A 406 -10.51 21.50 23.96
N GLU A 407 -9.61 20.87 24.73
CA GLU A 407 -9.94 20.50 26.10
C GLU A 407 -10.22 21.73 26.96
N LYS A 408 -9.41 22.78 26.79
CA LYS A 408 -9.51 23.99 27.59
C LYS A 408 -9.38 23.68 29.08
CO CO B . 1.18 8.00 4.82
C10 SZO C . 1.04 9.54 8.90
C13 SZO C . -0.17 10.87 10.99
C15 SZO C . 0.26 8.84 9.83
C21 SZO C . 0.15 7.32 9.57
C24 SZO C . -3.80 9.63 14.06
C26 SZO C . -4.31 8.03 15.76
C28 SZO C . -2.18 7.96 14.64
C1 SZO C . 5.33 8.23 6.45
C2 SZO C . 5.98 9.00 7.59
C3 SZO C . 5.49 8.56 8.96
C4 SZO C . 3.96 8.47 8.98
C5 SZO C . 3.18 8.50 7.67
C6 SZO C . 3.81 8.23 6.53
O7 SZO C . 3.13 8.06 5.32
O8 SZO C . 3.41 8.36 10.02
C9 SZO C . 1.71 8.84 7.70
C11 SZO C . 1.21 10.89 9.03
C12 SZO C . 0.61 11.56 10.08
C14 SZO C . -0.36 9.52 10.91
C16 SZO C . -1.16 8.93 11.88
N17 SZO C . -0.71 11.58 11.97
N18 SZO C . -1.69 9.65 12.86
C19 SZO C . -1.48 10.99 12.91
O20 SZO C . -1.40 7.77 11.90
O22 SZO C . 1.07 8.62 6.72
C23 SZO C . -2.55 9.05 13.88
C25 SZO C . -4.67 9.12 15.01
C27 SZO C . -3.06 7.44 15.58
#